data_4Q34
#
_entry.id   4Q34
#
_cell.length_a   59.327
_cell.length_b   59.327
_cell.length_c   209.591
_cell.angle_alpha   90.000
_cell.angle_beta   90.000
_cell.angle_gamma   90.000
#
_symmetry.space_group_name_H-M   'P 41 21 2'
#
loop_
_entity.id
_entity.type
_entity.pdbx_description
1 polymer 'Uncharacterized protein'
2 non-polymer 'CHLORIDE ION'
3 non-polymer GLYCEROL
4 water water
#
_entity_poly.entity_id   1
_entity_poly.type   'polypeptide(L)'
_entity_poly.pdbx_seq_one_letter_code
;GDERVL(MSE)VDEQGSFAVGGTVLVDSLGHTFHGDHAYVFYQKPVGARKYPLVFAHGVGQFSKTWETTPDGREGFQNIF
LRRRFCVYLVDQPRRGNAGRGTESVTISPAFDEEVWFNRFRVGIWPDYFEGVQFKRDKETLDQYFRQ(MSE)TPTIGTTD
FEVYSDAYAALFDKIGPGVFITHSQGGPVGWNTLLKTRNIKAIASYEPGGAVPFPEGQLPEEAKFITLSKK(MSE)EGIE
VP(MSE)SVF(MSE)EYTKVPIVIYYGDNLPETDERPELYEWTRRLRL(MSE)KIWAK(MSE)LNDQGGDVTVIHLPEVG
LHGNTHFP(MSE)SDLNNIEVADLLSEWLHTKALD
;
_entity_poly.pdbx_strand_id   A
#
loop_
_chem_comp.id
_chem_comp.type
_chem_comp.name
_chem_comp.formula
CL non-polymer 'CHLORIDE ION' 'Cl -1'
GOL non-polymer GLYCEROL 'C3 H8 O3'
#
# COMPACT_ATOMS: atom_id res chain seq x y z
N GLU A 3 5.65 -6.77 28.34
CA GLU A 3 5.57 -8.16 28.90
C GLU A 3 4.79 -9.16 28.01
N ARG A 4 4.15 -8.69 26.93
CA ARG A 4 3.48 -9.61 26.00
CA ARG A 4 3.48 -9.56 25.96
C ARG A 4 4.51 -10.35 25.15
N VAL A 5 4.09 -11.49 24.56
CA VAL A 5 5.02 -12.37 23.81
C VAL A 5 4.42 -12.86 22.50
N LEU A 6 5.19 -12.71 21.43
CA LEU A 6 4.76 -13.16 20.12
C LEU A 6 5.25 -14.60 20.00
N MSE A 7 4.31 -15.52 19.76
CA MSE A 7 4.61 -16.95 19.70
CA MSE A 7 4.58 -16.95 19.69
C MSE A 7 4.76 -17.28 18.24
O MSE A 7 3.78 -17.49 17.51
CB MSE A 7 3.56 -17.79 20.45
CB MSE A 7 3.41 -17.74 20.29
CG MSE A 7 3.44 -17.33 21.91
CG MSE A 7 3.11 -17.31 21.72
SE MSE A 7 2.12 -18.44 22.87
SE MSE A 7 4.63 -17.85 22.83
CE MSE A 7 2.76 -20.24 22.38
CE MSE A 7 3.91 -19.62 23.31
N VAL A 8 6.00 -17.32 17.78
CA VAL A 8 6.28 -17.53 16.35
C VAL A 8 6.56 -19.00 16.03
N ASP A 9 5.65 -19.62 15.32
CA ASP A 9 5.74 -21.03 14.93
C ASP A 9 6.79 -21.23 13.82
N GLU A 10 6.89 -20.24 12.94
N GLU A 10 6.84 -20.29 12.86
CA GLU A 10 7.75 -20.31 11.77
CA GLU A 10 7.81 -20.37 11.78
C GLU A 10 8.08 -18.87 11.38
C GLU A 10 8.03 -18.97 11.21
N GLN A 11 9.29 -18.66 10.93
CA GLN A 11 9.62 -17.39 10.27
C GLN A 11 10.76 -17.57 9.33
N GLY A 12 10.86 -16.66 8.36
CA GLY A 12 11.93 -16.78 7.42
C GLY A 12 11.79 -15.75 6.31
N SER A 13 12.59 -15.91 5.26
CA SER A 13 12.59 -14.96 4.17
C SER A 13 12.95 -15.68 2.87
N PHE A 14 12.57 -15.06 1.78
CA PHE A 14 12.84 -15.62 0.44
C PHE A 14 12.66 -14.57 -0.60
N ALA A 15 13.27 -14.80 -1.77
CA ALA A 15 12.98 -14.02 -2.95
C ALA A 15 11.84 -14.71 -3.70
N VAL A 16 11.00 -13.93 -4.37
CA VAL A 16 9.86 -14.50 -5.09
C VAL A 16 9.67 -13.78 -6.39
N GLY A 17 9.31 -14.53 -7.44
CA GLY A 17 9.15 -13.94 -8.75
C GLY A 17 10.48 -13.53 -9.39
N GLY A 18 10.38 -12.57 -10.28
CA GLY A 18 11.54 -12.09 -11.02
C GLY A 18 11.70 -12.70 -12.38
N THR A 19 12.75 -12.28 -13.04
CA THR A 19 13.10 -12.80 -14.37
C THR A 19 14.57 -13.11 -14.40
N VAL A 20 15.03 -13.57 -15.56
CA VAL A 20 16.40 -13.96 -15.75
C VAL A 20 16.83 -13.33 -17.07
N LEU A 21 17.86 -12.51 -17.03
CA LEU A 21 18.44 -12.04 -18.27
C LEU A 21 19.48 -13.05 -18.65
N VAL A 22 19.74 -13.20 -19.96
CA VAL A 22 20.72 -14.16 -20.44
C VAL A 22 21.53 -13.46 -21.50
N ASP A 23 22.84 -13.40 -21.32
CA ASP A 23 23.70 -12.68 -22.28
C ASP A 23 24.16 -13.57 -23.43
N SER A 24 24.89 -12.94 -24.33
CA SER A 24 25.25 -13.58 -25.59
C SER A 24 26.05 -14.84 -25.32
N LEU A 25 26.67 -14.95 -24.14
CA LEU A 25 27.48 -16.12 -23.76
C LEU A 25 26.69 -17.15 -22.94
N GLY A 26 25.39 -16.92 -22.73
CA GLY A 26 24.57 -17.83 -21.93
C GLY A 26 24.67 -17.61 -20.42
N HIS A 27 25.32 -16.53 -20.02
CA HIS A 27 25.46 -16.24 -18.59
C HIS A 27 24.17 -15.59 -18.10
N THR A 28 23.84 -15.81 -16.83
CA THR A 28 22.54 -15.35 -16.29
C THR A 28 22.61 -14.13 -15.43
N PHE A 29 21.51 -13.40 -15.38
CA PHE A 29 21.32 -12.40 -14.36
C PHE A 29 19.92 -12.49 -13.80
N HIS A 30 19.83 -12.93 -12.56
CA HIS A 30 18.59 -13.04 -11.85
C HIS A 30 18.23 -11.75 -11.11
N GLY A 31 17.18 -11.08 -11.59
CA GLY A 31 16.72 -9.82 -10.98
C GLY A 31 15.22 -9.63 -11.03
N ASP A 32 14.77 -8.49 -10.52
CA ASP A 32 13.36 -8.11 -10.55
C ASP A 32 12.37 -8.96 -9.66
N HIS A 33 12.93 -9.75 -8.74
CA HIS A 33 12.15 -10.48 -7.74
C HIS A 33 11.74 -9.49 -6.66
N ALA A 34 10.79 -9.90 -5.84
CA ALA A 34 10.52 -9.21 -4.57
C ALA A 34 11.28 -9.96 -3.48
N TYR A 35 11.49 -9.28 -2.36
CA TYR A 35 12.01 -9.90 -1.16
C TYR A 35 10.88 -9.96 -0.13
N VAL A 36 10.76 -11.08 0.56
CA VAL A 36 9.67 -11.31 1.50
C VAL A 36 10.22 -11.81 2.84
N PHE A 37 9.74 -11.21 3.94
CA PHE A 37 10.00 -11.76 5.27
C PHE A 37 8.64 -12.13 5.85
N TYR A 38 8.51 -13.32 6.44
CA TYR A 38 7.22 -13.76 6.90
C TYR A 38 7.31 -14.34 8.30
N GLN A 39 6.21 -14.25 9.01
CA GLN A 39 6.11 -14.91 10.33
C GLN A 39 4.75 -15.55 10.44
N LYS A 40 4.72 -16.82 10.89
CA LYS A 40 3.51 -17.57 11.12
C LYS A 40 3.36 -17.75 12.62
N PRO A 41 2.28 -17.24 13.20
CA PRO A 41 2.03 -17.45 14.61
C PRO A 41 1.50 -18.83 14.92
N VAL A 42 1.70 -19.26 16.16
CA VAL A 42 0.99 -20.41 16.68
C VAL A 42 -0.50 -20.17 16.56
N GLY A 43 -1.20 -21.18 16.04
CA GLY A 43 -2.63 -21.11 15.88
C GLY A 43 -3.10 -20.13 14.80
N ALA A 44 -2.32 -20.01 13.73
CA ALA A 44 -2.59 -19.06 12.67
C ALA A 44 -3.97 -19.23 12.02
N ARG A 45 -4.57 -18.09 11.70
CA ARG A 45 -5.80 -18.01 10.96
C ARG A 45 -5.60 -18.49 9.52
N LYS A 46 -6.70 -18.79 8.85
CA LYS A 46 -6.68 -19.43 7.53
C LYS A 46 -5.99 -18.63 6.43
N TYR A 47 -6.15 -17.31 6.43
CA TYR A 47 -5.68 -16.48 5.35
C TYR A 47 -4.54 -15.59 5.84
N PRO A 48 -3.37 -15.68 5.17
CA PRO A 48 -2.30 -14.80 5.49
C PRO A 48 -2.60 -13.37 5.03
N LEU A 49 -1.95 -12.43 5.68
CA LEU A 49 -1.92 -11.04 5.27
C LEU A 49 -0.59 -10.72 4.55
N VAL A 50 -0.68 -10.12 3.35
CA VAL A 50 0.44 -9.70 2.55
C VAL A 50 0.40 -8.18 2.46
N PHE A 51 1.50 -7.54 2.83
CA PHE A 51 1.58 -6.09 2.90
C PHE A 51 2.43 -5.50 1.80
N ALA A 52 1.88 -4.52 1.10
CA ALA A 52 2.57 -3.83 0.00
C ALA A 52 2.71 -2.32 0.20
N HIS A 53 3.93 -1.85 0.23
CA HIS A 53 4.27 -0.43 0.41
C HIS A 53 4.06 0.38 -0.89
N GLY A 54 4.24 1.68 -0.78
CA GLY A 54 4.15 2.59 -1.89
C GLY A 54 5.50 3.15 -2.33
N VAL A 55 5.48 4.29 -3.01
CA VAL A 55 6.67 4.77 -3.66
C VAL A 55 7.67 5.31 -2.63
N GLY A 56 8.94 5.12 -2.88
CA GLY A 56 10.02 5.62 -2.02
C GLY A 56 10.17 4.91 -0.67
N GLN A 57 9.36 3.86 -0.41
CA GLN A 57 9.27 3.22 0.90
C GLN A 57 9.59 1.73 0.71
N PHE A 58 9.59 1.03 1.83
CA PHE A 58 9.79 -0.43 1.77
C PHE A 58 8.95 -1.07 2.87
N SER A 59 9.30 -2.29 3.23
CA SER A 59 8.54 -3.00 4.24
C SER A 59 8.40 -2.23 5.55
N LYS A 60 9.36 -1.35 5.87
CA LYS A 60 9.32 -0.52 7.08
C LYS A 60 8.01 0.27 7.27
N THR A 61 7.32 0.56 6.17
CA THR A 61 5.96 1.10 6.19
C THR A 61 5.11 0.46 7.28
N TRP A 62 5.24 -0.84 7.40
CA TRP A 62 4.41 -1.67 8.26
C TRP A 62 5.10 -2.18 9.51
N GLU A 63 6.37 -1.82 9.72
CA GLU A 63 7.15 -2.29 10.85
C GLU A 63 7.06 -1.26 12.01
N THR A 64 8.11 -1.16 12.81
CA THR A 64 8.12 -0.18 13.89
C THR A 64 7.83 1.20 13.33
N THR A 65 6.99 1.93 14.05
CA THR A 65 6.63 3.30 13.65
C THR A 65 7.84 4.20 13.82
N PRO A 66 7.82 5.39 13.20
CA PRO A 66 9.01 6.21 13.32
C PRO A 66 9.36 6.66 14.77
N ASP A 67 8.35 6.74 15.63
CA ASP A 67 8.53 7.08 17.02
C ASP A 67 8.74 5.89 17.95
N GLY A 68 8.87 4.68 17.39
CA GLY A 68 9.30 3.53 18.13
C GLY A 68 8.24 2.57 18.65
N ARG A 69 7.00 2.69 18.18
CA ARG A 69 5.87 1.85 18.61
C ARG A 69 5.68 0.70 17.63
N GLU A 70 4.93 -0.30 18.06
CA GLU A 70 4.68 -1.45 17.17
C GLU A 70 3.84 -1.04 15.98
N GLY A 71 4.18 -1.61 14.82
CA GLY A 71 3.38 -1.52 13.63
C GLY A 71 2.58 -2.77 13.35
N PHE A 72 1.97 -2.77 12.17
CA PHE A 72 1.07 -3.84 11.75
C PHE A 72 1.76 -5.21 11.71
N GLN A 73 3.06 -5.23 11.39
CA GLN A 73 3.81 -6.48 11.42
C GLN A 73 3.60 -7.22 12.76
N ASN A 74 3.81 -6.50 13.87
CA ASN A 74 3.66 -7.05 15.20
C ASN A 74 2.20 -7.19 15.63
N ILE A 75 1.40 -6.16 15.33
CA ILE A 75 0.02 -6.14 15.77
C ILE A 75 -0.80 -7.30 15.20
N PHE A 76 -0.66 -7.55 13.89
CA PHE A 76 -1.43 -8.62 13.27
C PHE A 76 -0.87 -10.00 13.54
N LEU A 77 0.45 -10.11 13.76
CA LEU A 77 1.04 -11.37 14.21
C LEU A 77 0.48 -11.73 15.58
N ARG A 78 0.36 -10.75 16.46
CA ARG A 78 -0.20 -10.97 17.80
C ARG A 78 -1.66 -11.42 17.75
N ARG A 79 -2.37 -10.96 16.74
CA ARG A 79 -3.76 -11.32 16.48
C ARG A 79 -3.94 -12.62 15.70
N ARG A 80 -2.83 -13.33 15.56
CA ARG A 80 -2.76 -14.68 15.02
C ARG A 80 -2.87 -14.80 13.51
N PHE A 81 -2.54 -13.73 12.79
CA PHE A 81 -2.40 -13.80 11.35
C PHE A 81 -0.95 -14.11 10.98
N CYS A 82 -0.77 -14.97 9.96
CA CYS A 82 0.50 -15.02 9.22
CA CYS A 82 0.49 -15.03 9.26
C CYS A 82 0.68 -13.71 8.51
N VAL A 83 1.87 -13.14 8.65
CA VAL A 83 2.14 -11.85 8.07
C VAL A 83 3.36 -11.97 7.13
N TYR A 84 3.17 -11.46 5.90
CA TYR A 84 4.19 -11.42 4.87
C TYR A 84 4.49 -9.97 4.56
N LEU A 85 5.69 -9.53 4.90
CA LEU A 85 6.13 -8.16 4.59
CA LEU A 85 6.09 -8.17 4.53
C LEU A 85 7.00 -8.22 3.33
N VAL A 86 6.79 -7.28 2.40
CA VAL A 86 7.44 -7.39 1.11
C VAL A 86 8.22 -6.10 0.79
N ASP A 87 9.40 -6.27 0.18
CA ASP A 87 10.06 -5.23 -0.59
C ASP A 87 9.87 -5.61 -2.07
N GLN A 88 9.13 -4.78 -2.78
CA GLN A 88 8.75 -5.04 -4.13
C GLN A 88 9.99 -4.99 -5.00
N PRO A 89 9.92 -5.58 -6.21
CA PRO A 89 11.03 -5.49 -7.19
C PRO A 89 11.64 -4.10 -7.25
N ARG A 90 12.97 -4.10 -7.30
CA ARG A 90 13.80 -2.88 -7.45
C ARG A 90 13.84 -1.97 -6.24
N ARG A 91 13.39 -2.46 -5.09
CA ARG A 91 13.28 -1.67 -3.88
C ARG A 91 13.97 -2.35 -2.69
N GLY A 92 14.80 -1.61 -1.98
CA GLY A 92 15.39 -2.11 -0.71
C GLY A 92 16.17 -3.40 -0.90
N ASN A 93 15.83 -4.43 -0.10
CA ASN A 93 16.50 -5.74 -0.20
C ASN A 93 16.28 -6.42 -1.55
N ALA A 94 15.28 -5.96 -2.29
CA ALA A 94 15.05 -6.42 -3.68
C ALA A 94 15.67 -5.49 -4.69
N GLY A 95 16.78 -4.86 -4.30
CA GLY A 95 17.47 -3.88 -5.16
C GLY A 95 18.10 -4.40 -6.42
N ARG A 96 18.22 -5.72 -6.56
CA ARG A 96 18.83 -6.35 -7.74
C ARG A 96 17.81 -6.33 -8.89
N GLY A 97 17.68 -5.16 -9.52
CA GLY A 97 16.82 -4.99 -10.70
C GLY A 97 17.57 -5.36 -11.95
N THR A 98 16.86 -5.38 -13.08
CA THR A 98 17.40 -5.78 -14.35
C THR A 98 17.84 -4.58 -15.20
N GLU A 99 17.62 -3.37 -14.71
CA GLU A 99 17.92 -2.17 -15.51
C GLU A 99 19.17 -1.42 -15.02
N SER A 100 19.81 -0.71 -15.95
CA SER A 100 20.84 0.24 -15.58
CA SER A 100 20.84 0.22 -15.55
C SER A 100 20.11 1.47 -15.10
N VAL A 101 20.63 2.12 -14.06
CA VAL A 101 19.95 3.28 -13.48
C VAL A 101 20.94 4.19 -12.77
N THR A 102 20.66 5.49 -12.79
CA THR A 102 21.43 6.47 -12.03
C THR A 102 20.53 6.98 -10.92
N ILE A 103 21.06 6.90 -9.69
CA ILE A 103 20.38 7.33 -8.51
C ILE A 103 21.14 8.56 -7.99
N SER A 104 20.42 9.63 -7.65
CA SER A 104 21.01 10.81 -7.03
C SER A 104 20.15 11.28 -5.89
N PRO A 105 20.76 11.68 -4.75
CA PRO A 105 19.94 12.26 -3.68
C PRO A 105 19.15 13.49 -4.16
N ALA A 106 17.90 13.61 -3.70
CA ALA A 106 17.05 14.75 -4.00
C ALA A 106 16.68 15.44 -2.69
N PHE A 107 16.77 16.76 -2.68
CA PHE A 107 16.48 17.53 -1.48
C PHE A 107 14.99 17.88 -1.45
N ASP A 108 14.18 16.87 -1.24
CA ASP A 108 12.73 17.05 -1.19
CA ASP A 108 12.72 16.94 -1.24
C ASP A 108 12.10 16.47 0.07
N GLU A 109 12.90 16.34 1.13
CA GLU A 109 12.31 15.82 2.40
C GLU A 109 11.16 16.69 2.96
N GLU A 110 11.35 18.00 2.88
CA GLU A 110 10.32 18.94 3.30
C GLU A 110 9.03 18.86 2.46
N VAL A 111 9.20 18.55 1.19
CA VAL A 111 8.06 18.30 0.29
C VAL A 111 7.33 17.01 0.69
N TRP A 112 8.05 15.92 0.91
CA TRP A 112 7.42 14.73 1.43
C TRP A 112 6.64 14.91 2.72
N PHE A 113 7.15 15.72 3.64
CA PHE A 113 6.44 16.04 4.90
C PHE A 113 5.03 16.55 4.58
N ASN A 114 4.96 17.49 3.65
CA ASN A 114 3.66 18.02 3.19
C ASN A 114 2.82 16.99 2.45
N ARG A 115 3.44 16.28 1.51
CA ARG A 115 2.77 15.28 0.69
C ARG A 115 2.12 14.19 1.55
N PHE A 116 2.76 13.87 2.67
CA PHE A 116 2.27 12.86 3.62
C PHE A 116 1.28 13.40 4.66
N ARG A 117 1.06 14.72 4.59
CA ARG A 117 0.11 15.42 5.40
C ARG A 117 0.45 15.30 6.88
N VAL A 118 1.73 15.41 7.20
CA VAL A 118 2.15 15.57 8.60
C VAL A 118 1.88 17.03 8.98
N GLY A 119 1.96 17.92 8.01
CA GLY A 119 1.80 19.35 8.26
C GLY A 119 2.20 20.15 7.03
N ILE A 120 2.26 21.45 7.18
CA ILE A 120 2.86 22.29 6.15
C ILE A 120 4.20 22.73 6.74
N TRP A 121 5.25 22.16 6.20
CA TRP A 121 6.58 22.33 6.71
C TRP A 121 6.86 23.83 6.88
N PRO A 122 7.42 24.24 8.03
CA PRO A 122 7.93 23.47 9.16
C PRO A 122 6.94 23.06 10.25
N ASP A 123 5.67 23.37 10.09
CA ASP A 123 4.71 23.17 11.17
C ASP A 123 3.96 21.85 11.01
N TYR A 124 3.64 21.23 12.13
CA TYR A 124 2.82 20.04 12.18
C TYR A 124 1.35 20.49 12.15
N PHE A 125 0.44 19.71 11.56
CA PHE A 125 -0.99 20.02 11.66
C PHE A 125 -1.46 19.90 13.12
N GLU A 126 -2.27 20.85 13.56
CA GLU A 126 -2.90 20.70 14.84
C GLU A 126 -3.65 19.38 14.93
N GLY A 127 -3.44 18.67 16.04
CA GLY A 127 -4.06 17.37 16.31
C GLY A 127 -3.54 16.21 15.51
N VAL A 128 -2.48 16.41 14.74
CA VAL A 128 -1.96 15.31 13.89
C VAL A 128 -1.51 14.15 14.77
N GLN A 129 -1.74 12.93 14.28
CA GLN A 129 -1.45 11.69 15.01
C GLN A 129 -0.01 11.24 14.70
N PHE A 130 0.92 12.13 14.99
CA PHE A 130 2.32 11.95 14.65
C PHE A 130 3.13 12.64 15.75
N LYS A 131 4.14 11.93 16.25
CA LYS A 131 5.02 12.47 17.28
C LYS A 131 5.87 13.60 16.73
N ARG A 132 6.02 14.67 17.51
CA ARG A 132 6.58 15.92 16.97
CA ARG A 132 6.59 15.91 16.95
C ARG A 132 8.07 16.14 17.24
N ASP A 133 8.77 15.14 17.73
CA ASP A 133 10.21 15.31 18.08
C ASP A 133 11.14 15.06 16.88
N LYS A 134 12.38 15.51 17.02
CA LYS A 134 13.36 15.37 15.95
C LYS A 134 13.75 13.94 15.61
N GLU A 135 13.90 13.08 16.61
CA GLU A 135 14.31 11.70 16.38
C GLU A 135 13.28 10.93 15.55
N THR A 136 11.99 11.15 15.83
CA THR A 136 10.90 10.60 15.05
C THR A 136 11.04 11.00 13.59
N LEU A 137 11.26 12.28 13.33
CA LEU A 137 11.37 12.72 11.94
C LEU A 137 12.60 12.16 11.25
N ASP A 138 13.70 12.06 11.98
CA ASP A 138 14.91 11.42 11.49
C ASP A 138 14.59 10.00 10.99
N GLN A 139 13.91 9.21 11.83
CA GLN A 139 13.49 7.89 11.44
C GLN A 139 12.60 7.86 10.22
N TYR A 140 11.67 8.80 10.19
CA TYR A 140 10.72 8.94 9.07
C TYR A 140 11.42 9.15 7.75
N PHE A 141 12.42 10.05 7.71
CA PHE A 141 13.12 10.25 6.44
C PHE A 141 14.00 9.05 6.06
N ARG A 142 14.54 8.38 7.06
CA ARG A 142 15.44 7.25 6.81
C ARG A 142 14.72 5.96 6.51
N GLN A 143 13.39 5.92 6.60
CA GLN A 143 12.64 4.76 6.09
C GLN A 143 12.34 4.84 4.57
N MSE A 144 12.86 5.88 3.91
CA MSE A 144 12.79 5.97 2.47
CA MSE A 144 12.78 5.98 2.46
C MSE A 144 13.97 5.23 1.88
O MSE A 144 15.05 5.16 2.50
CB MSE A 144 12.81 7.44 2.05
CB MSE A 144 12.75 7.44 2.01
CG MSE A 144 11.68 8.24 2.65
CG MSE A 144 11.34 7.99 2.13
SE MSE A 144 11.94 10.10 2.16
SE MSE A 144 11.15 9.81 1.39
CE MSE A 144 10.13 10.65 2.74
CE MSE A 144 12.20 10.71 2.81
N THR A 145 13.77 4.65 0.71
CA THR A 145 14.84 3.94 -0.02
C THR A 145 14.52 4.08 -1.52
N PRO A 146 15.54 4.13 -2.40
CA PRO A 146 15.31 4.40 -3.80
C PRO A 146 14.91 3.19 -4.64
N THR A 147 14.29 3.45 -5.78
CA THR A 147 13.98 2.45 -6.79
C THR A 147 15.19 2.25 -7.67
N ILE A 148 15.64 1.01 -7.76
CA ILE A 148 16.84 0.69 -8.52
C ILE A 148 16.42 0.26 -9.93
N GLY A 149 15.93 1.23 -10.66
CA GLY A 149 15.33 1.03 -11.97
C GLY A 149 14.19 2.00 -12.14
N THR A 150 13.23 1.63 -13.00
CA THR A 150 12.05 2.44 -13.31
C THR A 150 10.83 1.87 -12.65
N THR A 151 9.83 2.73 -12.45
CA THR A 151 8.57 2.29 -11.93
C THR A 151 7.90 1.47 -13.03
N ASP A 152 7.47 0.26 -12.71
CA ASP A 152 6.78 -0.61 -13.67
C ASP A 152 5.77 -1.47 -12.90
N PHE A 153 4.47 -1.14 -13.01
CA PHE A 153 3.41 -1.83 -12.24
C PHE A 153 3.27 -3.30 -12.72
N GLU A 154 3.62 -3.58 -13.96
CA GLU A 154 3.59 -4.94 -14.45
C GLU A 154 4.64 -5.79 -13.72
N VAL A 155 5.84 -5.24 -13.59
CA VAL A 155 6.96 -5.94 -12.91
C VAL A 155 6.60 -6.11 -11.42
N TYR A 156 6.04 -5.06 -10.83
CA TYR A 156 5.72 -5.10 -9.40
C TYR A 156 4.62 -6.10 -9.15
N SER A 157 3.56 -6.01 -9.91
CA SER A 157 2.40 -6.88 -9.68
C SER A 157 2.73 -8.33 -10.08
N ASP A 158 3.60 -8.53 -11.06
CA ASP A 158 3.99 -9.90 -11.34
C ASP A 158 4.61 -10.61 -10.12
N ALA A 159 5.42 -9.90 -9.37
CA ALA A 159 6.09 -10.53 -8.23
C ALA A 159 5.06 -10.78 -7.13
N TYR A 160 4.13 -9.86 -6.92
CA TYR A 160 3.12 -10.13 -5.90
C TYR A 160 2.18 -11.27 -6.31
N ALA A 161 1.88 -11.40 -7.61
CA ALA A 161 1.09 -12.56 -8.07
C ALA A 161 1.84 -13.87 -7.80
N ALA A 162 3.14 -13.88 -8.02
CA ALA A 162 3.99 -15.07 -7.78
C ALA A 162 3.95 -15.41 -6.28
N LEU A 163 3.90 -14.39 -5.44
CA LEU A 163 3.81 -14.63 -4.01
C LEU A 163 2.48 -15.23 -3.60
N PHE A 164 1.37 -14.64 -4.07
CA PHE A 164 0.06 -15.20 -3.77
C PHE A 164 -0.10 -16.60 -4.35
N ASP A 165 0.45 -16.84 -5.52
CA ASP A 165 0.40 -18.20 -6.06
C ASP A 165 1.12 -19.21 -5.18
N LYS A 166 2.22 -18.79 -4.59
CA LYS A 166 3.03 -19.63 -3.74
C LYS A 166 2.37 -19.95 -2.41
N ILE A 167 1.85 -18.93 -1.73
CA ILE A 167 1.38 -19.10 -0.35
C ILE A 167 -0.07 -19.44 -0.22
N GLY A 168 -0.83 -19.36 -1.29
CA GLY A 168 -2.25 -19.68 -1.23
C GLY A 168 -3.12 -18.48 -0.97
N PRO A 169 -4.44 -18.72 -0.91
CA PRO A 169 -5.40 -17.64 -0.73
C PRO A 169 -5.04 -16.77 0.45
N GLY A 170 -5.02 -15.45 0.24
CA GLY A 170 -4.70 -14.48 1.29
C GLY A 170 -5.34 -13.14 1.04
N VAL A 171 -5.02 -12.23 1.92
CA VAL A 171 -5.56 -10.89 1.87
C VAL A 171 -4.42 -9.94 1.57
N PHE A 172 -4.67 -8.98 0.66
CA PHE A 172 -3.66 -8.04 0.19
C PHE A 172 -3.95 -6.69 0.85
N ILE A 173 -2.98 -6.21 1.60
CA ILE A 173 -3.08 -4.92 2.31
CA ILE A 173 -3.11 -4.91 2.27
C ILE A 173 -2.06 -4.00 1.66
N THR A 174 -2.54 -2.90 1.06
CA THR A 174 -1.70 -2.03 0.24
C THR A 174 -1.71 -0.60 0.72
N HIS A 175 -0.72 0.14 0.24
CA HIS A 175 -0.56 1.55 0.56
C HIS A 175 -0.12 2.39 -0.64
N SER A 176 -0.88 3.45 -0.93
CA SER A 176 -0.49 4.49 -1.90
C SER A 176 -0.30 3.92 -3.31
N GLN A 177 0.92 3.92 -3.86
CA GLN A 177 1.15 3.29 -5.16
CA GLN A 177 1.23 3.29 -5.18
C GLN A 177 1.00 1.78 -5.09
N GLY A 178 1.08 1.24 -3.88
CA GLY A 178 0.64 -0.13 -3.62
C GLY A 178 -0.81 -0.38 -4.08
N GLY A 179 -1.61 0.69 -4.12
CA GLY A 179 -2.99 0.65 -4.64
C GLY A 179 -3.07 0.04 -6.03
N PRO A 180 -2.50 0.71 -7.04
CA PRO A 180 -2.51 0.15 -8.40
C PRO A 180 -1.68 -1.11 -8.53
N VAL A 181 -0.69 -1.32 -7.68
CA VAL A 181 -0.03 -2.62 -7.67
C VAL A 181 -1.08 -3.69 -7.34
N GLY A 182 -1.85 -3.44 -6.28
CA GLY A 182 -2.97 -4.28 -5.89
C GLY A 182 -3.98 -4.49 -7.01
N TRP A 183 -4.38 -3.40 -7.69
CA TRP A 183 -5.41 -3.52 -8.71
C TRP A 183 -4.89 -4.38 -9.87
N ASN A 184 -3.61 -4.28 -10.17
CA ASN A 184 -2.98 -5.08 -11.21
C ASN A 184 -2.82 -6.56 -10.80
N THR A 185 -2.42 -6.77 -9.57
CA THR A 185 -2.14 -8.12 -9.07
C THR A 185 -3.44 -8.95 -9.08
N LEU A 186 -4.58 -8.33 -8.80
CA LEU A 186 -5.84 -9.02 -8.79
C LEU A 186 -6.14 -9.76 -10.12
N LEU A 187 -5.65 -9.20 -11.23
CA LEU A 187 -5.90 -9.70 -12.55
C LEU A 187 -4.96 -10.83 -12.91
N LYS A 188 -4.07 -11.20 -11.98
CA LYS A 188 -2.96 -12.12 -12.24
C LYS A 188 -2.89 -13.33 -11.34
N THR A 189 -3.78 -13.43 -10.38
CA THR A 189 -3.80 -14.54 -9.45
C THR A 189 -5.23 -14.80 -9.03
N ARG A 190 -5.51 -16.06 -8.72
N ARG A 190 -5.54 -16.05 -8.71
CA ARG A 190 -6.76 -16.49 -8.10
CA ARG A 190 -6.83 -16.35 -8.10
C ARG A 190 -6.77 -16.34 -6.59
C ARG A 190 -6.74 -16.48 -6.59
N ASN A 191 -5.59 -16.13 -6.01
CA ASN A 191 -5.37 -16.26 -4.58
C ASN A 191 -5.49 -14.98 -3.75
N ILE A 192 -6.03 -13.90 -4.32
CA ILE A 192 -6.38 -12.72 -3.51
C ILE A 192 -7.84 -12.82 -3.09
N LYS A 193 -8.06 -12.96 -1.79
CA LYS A 193 -9.42 -13.10 -1.28
C LYS A 193 -10.12 -11.73 -1.04
N ALA A 194 -9.32 -10.69 -0.89
CA ALA A 194 -9.78 -9.36 -0.46
C ALA A 194 -8.62 -8.42 -0.52
N ILE A 195 -8.94 -7.15 -0.63
CA ILE A 195 -7.92 -6.11 -0.66
C ILE A 195 -8.36 -4.97 0.27
N ALA A 196 -7.47 -4.59 1.18
CA ALA A 196 -7.61 -3.37 1.97
C ALA A 196 -6.49 -2.42 1.54
N SER A 197 -6.86 -1.19 1.22
CA SER A 197 -5.88 -0.23 0.76
C SER A 197 -5.92 1.06 1.55
N TYR A 198 -4.75 1.48 2.03
CA TYR A 198 -4.59 2.75 2.73
C TYR A 198 -4.17 3.83 1.73
N GLU A 199 -5.00 4.85 1.59
CA GLU A 199 -4.70 6.00 0.73
C GLU A 199 -4.10 5.61 -0.63
N PRO A 200 -4.81 4.77 -1.40
CA PRO A 200 -4.34 4.45 -2.74
C PRO A 200 -4.21 5.70 -3.63
N GLY A 201 -3.33 5.60 -4.59
CA GLY A 201 -3.18 6.68 -5.56
C GLY A 201 -2.64 6.11 -6.85
N GLY A 202 -3.31 6.41 -7.95
CA GLY A 202 -2.85 6.08 -9.27
C GLY A 202 -3.65 4.98 -9.95
N ALA A 203 -3.83 5.14 -11.25
CA ALA A 203 -4.33 4.14 -12.18
C ALA A 203 -5.58 3.42 -11.67
N VAL A 204 -6.60 4.21 -11.36
CA VAL A 204 -7.87 3.67 -10.89
C VAL A 204 -8.63 3.18 -12.11
N PRO A 205 -9.01 1.89 -12.16
CA PRO A 205 -9.59 1.40 -13.38
C PRO A 205 -11.10 1.63 -13.51
N PHE A 206 -11.49 2.26 -14.60
CA PHE A 206 -12.88 2.44 -14.96
C PHE A 206 -13.18 1.81 -16.34
N PRO A 207 -14.44 1.45 -16.61
CA PRO A 207 -14.78 0.95 -17.93
C PRO A 207 -14.57 1.99 -18.99
N GLU A 208 -14.12 1.53 -20.15
CA GLU A 208 -13.92 2.39 -21.29
C GLU A 208 -15.19 3.12 -21.59
N GLY A 209 -15.06 4.42 -21.80
CA GLY A 209 -16.19 5.27 -22.09
C GLY A 209 -16.95 5.79 -20.88
N GLN A 210 -16.55 5.37 -19.67
CA GLN A 210 -17.22 5.73 -18.42
CA GLN A 210 -17.24 5.79 -18.45
C GLN A 210 -16.27 6.38 -17.44
N LEU A 211 -15.15 6.94 -17.94
CA LEU A 211 -14.20 7.63 -17.07
C LEU A 211 -14.86 8.88 -16.45
N PRO A 212 -15.01 8.90 -15.12
CA PRO A 212 -15.68 10.07 -14.54
C PRO A 212 -14.84 11.32 -14.64
N GLU A 213 -15.50 12.48 -14.70
CA GLU A 213 -14.78 13.76 -14.83
C GLU A 213 -13.75 13.86 -13.73
N GLU A 214 -14.14 13.42 -12.54
CA GLU A 214 -13.27 13.43 -11.36
C GLU A 214 -12.01 12.55 -11.47
N ALA A 215 -11.92 11.73 -12.52
CA ALA A 215 -10.77 10.85 -12.77
C ALA A 215 -9.76 11.42 -13.77
N LYS A 216 -10.16 12.50 -14.43
CA LYS A 216 -9.43 12.98 -15.59
C LYS A 216 -8.31 13.95 -15.23
N PHE A 217 -8.12 14.23 -13.94
CA PHE A 217 -7.04 15.12 -13.55
C PHE A 217 -5.72 14.39 -13.76
N ILE A 218 -4.69 15.14 -14.13
CA ILE A 218 -3.32 14.64 -14.36
C ILE A 218 -2.53 15.00 -13.11
N THR A 219 -1.83 14.01 -12.57
CA THR A 219 -1.09 14.21 -11.33
C THR A 219 0.17 15.01 -11.56
N LEU A 220 0.81 15.37 -10.44
CA LEU A 220 2.17 15.92 -10.42
C LEU A 220 3.17 14.95 -11.08
N SER A 221 2.92 13.65 -10.93
N SER A 221 2.91 13.65 -10.94
CA SER A 221 3.69 12.63 -11.63
CA SER A 221 3.67 12.62 -11.63
C SER A 221 3.34 12.54 -13.13
C SER A 221 3.39 12.57 -13.14
N LYS A 222 2.61 13.53 -13.65
CA LYS A 222 2.24 13.64 -15.08
C LYS A 222 1.42 12.47 -15.63
N LYS A 223 0.81 11.68 -14.74
CA LYS A 223 -0.06 10.55 -15.11
C LYS A 223 -1.55 10.88 -14.83
N MSE A 224 -2.45 10.49 -15.74
CA MSE A 224 -3.90 10.58 -15.50
CA MSE A 224 -3.90 10.53 -15.54
C MSE A 224 -4.21 9.58 -14.41
O MSE A 224 -3.71 8.48 -14.41
CB MSE A 224 -4.77 10.37 -16.75
CB MSE A 224 -4.62 10.10 -16.83
CG MSE A 224 -6.12 11.07 -16.57
CG MSE A 224 -3.84 9.01 -17.60
SE MSE A 224 -7.34 10.86 -18.11
SE MSE A 224 -5.05 7.91 -18.68
CE MSE A 224 -7.23 12.69 -18.82
CE MSE A 224 -3.68 7.00 -19.77
N GLU A 225 -5.04 10.01 -13.44
CA GLU A 225 -5.34 9.24 -12.22
CA GLU A 225 -5.31 9.23 -12.23
C GLU A 225 -6.22 8.04 -12.48
N GLY A 226 -7.23 8.21 -13.31
CA GLY A 226 -8.05 7.06 -13.74
C GLY A 226 -7.53 6.52 -15.05
N ILE A 227 -7.70 5.21 -15.28
CA ILE A 227 -7.42 4.60 -16.58
C ILE A 227 -8.65 3.85 -17.07
N GLU A 228 -8.75 3.72 -18.38
CA GLU A 228 -9.85 3.02 -19.00
C GLU A 228 -9.42 1.58 -19.23
N VAL A 229 -10.29 0.65 -18.85
CA VAL A 229 -10.05 -0.80 -19.03
C VAL A 229 -11.30 -1.42 -19.67
N PRO A 230 -11.16 -2.55 -20.34
CA PRO A 230 -12.36 -3.17 -20.89
C PRO A 230 -13.38 -3.54 -19.79
N MSE A 231 -14.65 -3.59 -20.17
CA MSE A 231 -15.73 -3.87 -19.20
C MSE A 231 -15.45 -5.18 -18.49
O MSE A 231 -15.64 -5.28 -17.29
CB MSE A 231 -17.08 -3.82 -19.90
CG MSE A 231 -18.25 -4.17 -18.98
SE MSE A 231 -18.32 -2.88 -17.46
CE MSE A 231 -19.40 -1.53 -18.42
N SER A 232 -15.00 -6.21 -19.21
CA SER A 232 -14.78 -7.50 -18.51
C SER A 232 -13.67 -7.45 -17.46
N VAL A 233 -12.71 -6.54 -17.63
CA VAL A 233 -11.64 -6.34 -16.69
C VAL A 233 -12.18 -5.55 -15.47
N PHE A 234 -12.95 -4.51 -15.75
CA PHE A 234 -13.60 -3.74 -14.68
C PHE A 234 -14.41 -4.65 -13.78
N MSE A 235 -15.12 -5.62 -14.38
CA MSE A 235 -15.96 -6.54 -13.59
C MSE A 235 -15.16 -7.39 -12.64
O MSE A 235 -15.70 -7.91 -11.66
CB MSE A 235 -16.82 -7.47 -14.46
CG MSE A 235 -17.83 -6.70 -15.30
SE MSE A 235 -19.23 -5.80 -14.20
CE MSE A 235 -19.81 -7.41 -13.18
N GLU A 236 -13.85 -7.58 -12.91
CA GLU A 236 -13.03 -8.36 -11.97
C GLU A 236 -12.97 -7.74 -10.60
N TYR A 237 -13.13 -6.40 -10.48
CA TYR A 237 -13.04 -5.72 -9.20
C TYR A 237 -14.33 -5.84 -8.37
N THR A 238 -15.34 -6.53 -8.92
CA THR A 238 -16.58 -6.80 -8.22
C THR A 238 -16.49 -8.11 -7.46
N LYS A 239 -15.42 -8.87 -7.67
CA LYS A 239 -15.42 -10.29 -7.29
C LYS A 239 -14.82 -10.57 -5.91
N VAL A 240 -14.21 -9.59 -5.26
CA VAL A 240 -13.66 -9.73 -3.91
C VAL A 240 -14.02 -8.50 -3.11
N PRO A 241 -14.16 -8.65 -1.80
CA PRO A 241 -14.36 -7.45 -1.00
C PRO A 241 -13.16 -6.52 -0.98
N ILE A 242 -13.43 -5.22 -1.11
CA ILE A 242 -12.40 -4.22 -1.08
C ILE A 242 -12.77 -3.12 -0.08
N VAL A 243 -11.81 -2.73 0.74
CA VAL A 243 -11.96 -1.55 1.62
C VAL A 243 -10.81 -0.58 1.35
N ILE A 244 -11.13 0.72 1.39
CA ILE A 244 -10.19 1.80 1.13
C ILE A 244 -10.29 2.78 2.29
N TYR A 245 -9.15 3.17 2.88
CA TYR A 245 -9.11 4.13 3.99
C TYR A 245 -8.36 5.40 3.61
N TYR A 246 -8.92 6.57 3.96
CA TYR A 246 -8.24 7.83 3.86
C TYR A 246 -8.24 8.53 5.21
N GLY A 247 -7.13 9.18 5.52
CA GLY A 247 -7.01 9.95 6.74
C GLY A 247 -7.54 11.38 6.67
N ASP A 248 -6.90 12.24 7.45
CA ASP A 248 -7.44 13.58 7.78
C ASP A 248 -6.60 14.67 7.15
N ASN A 249 -6.94 15.93 7.42
CA ASN A 249 -6.25 17.08 6.83
C ASN A 249 -6.23 17.03 5.29
N LEU A 250 -7.31 16.54 4.72
CA LEU A 250 -7.53 16.66 3.29
C LEU A 250 -7.97 18.09 3.04
N PRO A 251 -7.22 18.85 2.26
CA PRO A 251 -7.60 20.26 2.14
C PRO A 251 -8.85 20.47 1.25
N GLU A 252 -9.57 21.56 1.46
CA GLU A 252 -10.81 21.85 0.71
C GLU A 252 -10.54 22.55 -0.62
N THR A 253 -9.40 23.22 -0.70
CA THR A 253 -9.01 23.91 -1.92
C THR A 253 -7.71 23.39 -2.42
N ASP A 254 -7.43 23.71 -3.66
CA ASP A 254 -6.30 23.18 -4.39
C ASP A 254 -5.06 24.08 -4.38
N GLU A 255 -4.93 24.94 -3.37
CA GLU A 255 -3.74 25.80 -3.23
C GLU A 255 -2.44 25.01 -3.21
N ARG A 256 -2.44 23.81 -2.60
CA ARG A 256 -1.27 22.94 -2.55
C ARG A 256 -1.61 21.54 -3.09
N PRO A 257 -1.33 21.30 -4.38
CA PRO A 257 -1.59 20.03 -5.06
C PRO A 257 -0.96 18.83 -4.37
N GLU A 258 0.20 19.01 -3.73
CA GLU A 258 0.80 17.90 -2.97
C GLU A 258 -0.19 17.33 -1.94
N LEU A 259 -1.03 18.17 -1.35
CA LEU A 259 -2.05 17.69 -0.42
C LEU A 259 -3.42 17.48 -1.08
N TYR A 260 -3.76 18.35 -2.03
CA TYR A 260 -5.11 18.31 -2.61
C TYR A 260 -5.35 17.08 -3.46
N GLU A 261 -4.29 16.53 -4.02
CA GLU A 261 -4.43 15.29 -4.75
C GLU A 261 -5.11 14.23 -3.92
N TRP A 262 -4.86 14.22 -2.60
CA TRP A 262 -5.50 13.23 -1.72
C TRP A 262 -7.00 13.51 -1.58
N THR A 263 -7.38 14.77 -1.47
CA THR A 263 -8.80 15.08 -1.54
C THR A 263 -9.49 14.59 -2.78
N ARG A 264 -8.85 14.81 -3.93
CA ARG A 264 -9.40 14.33 -5.22
C ARG A 264 -9.50 12.81 -5.24
N ARG A 265 -8.53 12.13 -4.61
CA ARG A 265 -8.51 10.67 -4.56
C ARG A 265 -9.66 10.10 -3.72
N LEU A 266 -9.94 10.73 -2.58
CA LEU A 266 -11.07 10.32 -1.77
C LEU A 266 -12.34 10.39 -2.61
N ARG A 267 -12.55 11.53 -3.27
CA ARG A 267 -13.74 11.75 -4.10
CA ARG A 267 -13.75 11.73 -4.10
C ARG A 267 -13.84 10.68 -5.19
N LEU A 268 -12.72 10.42 -5.83
CA LEU A 268 -12.67 9.47 -6.93
C LEU A 268 -12.95 8.05 -6.50
N MSE A 269 -12.38 7.66 -5.36
CA MSE A 269 -12.60 6.28 -4.88
C MSE A 269 -14.05 6.05 -4.48
O MSE A 269 -14.60 4.93 -4.66
CB MSE A 269 -11.66 5.89 -3.77
CG MSE A 269 -10.21 5.99 -4.06
SE MSE A 269 -9.75 5.35 -5.85
CE MSE A 269 -9.59 3.45 -5.48
N LYS A 270 -14.73 7.07 -3.95
CA LYS A 270 -16.15 6.93 -3.67
C LYS A 270 -16.97 6.71 -4.95
N ILE A 271 -16.58 7.37 -6.04
CA ILE A 271 -17.25 7.19 -7.31
C ILE A 271 -16.99 5.78 -7.85
N TRP A 272 -15.73 5.38 -7.81
CA TRP A 272 -15.29 4.02 -8.20
C TRP A 272 -16.04 2.92 -7.44
N ALA A 273 -16.15 3.09 -6.12
CA ALA A 273 -16.86 2.12 -5.27
C ALA A 273 -18.32 2.04 -5.68
N LYS A 274 -18.95 3.19 -5.88
CA LYS A 274 -20.35 3.24 -6.28
C LYS A 274 -20.56 2.46 -7.60
N MSE A 275 -19.70 2.72 -8.58
CA MSE A 275 -19.83 2.10 -9.86
C MSE A 275 -19.65 0.62 -9.78
O MSE A 275 -20.38 -0.12 -10.41
CB MSE A 275 -18.81 2.70 -10.83
CG MSE A 275 -19.31 4.09 -11.20
SE MSE A 275 -18.01 4.92 -12.42
CE MSE A 275 -18.01 3.45 -13.73
N LEU A 276 -18.69 0.16 -8.98
CA LEU A 276 -18.51 -1.29 -8.79
C LEU A 276 -19.67 -1.92 -8.01
N ASN A 277 -20.12 -1.23 -6.97
CA ASN A 277 -21.22 -1.79 -6.17
C ASN A 277 -22.50 -1.89 -7.01
N ASP A 278 -22.71 -0.95 -7.94
CA ASP A 278 -23.85 -1.01 -8.84
C ASP A 278 -23.80 -2.21 -9.81
N GLN A 279 -22.61 -2.79 -9.98
CA GLN A 279 -22.38 -3.96 -10.82
CA GLN A 279 -22.44 -3.96 -10.82
C GLN A 279 -22.22 -5.23 -9.99
N GLY A 280 -22.58 -5.16 -8.69
CA GLY A 280 -22.53 -6.32 -7.80
C GLY A 280 -21.30 -6.46 -6.92
N GLY A 281 -20.45 -5.42 -6.90
CA GLY A 281 -19.25 -5.49 -6.09
C GLY A 281 -19.49 -5.23 -4.61
N ASP A 282 -18.40 -5.20 -3.87
CA ASP A 282 -18.39 -4.99 -2.43
C ASP A 282 -17.19 -4.12 -2.08
N VAL A 283 -17.31 -2.82 -2.38
CA VAL A 283 -16.25 -1.87 -2.13
C VAL A 283 -16.73 -0.85 -1.11
N THR A 284 -15.93 -0.65 -0.08
CA THR A 284 -16.23 0.27 1.02
C THR A 284 -15.12 1.29 1.06
N VAL A 285 -15.49 2.56 1.15
CA VAL A 285 -14.54 3.62 1.32
C VAL A 285 -14.82 4.31 2.64
N ILE A 286 -13.80 4.37 3.49
CA ILE A 286 -13.91 4.95 4.83
C ILE A 286 -12.97 6.13 4.97
N HIS A 287 -13.53 7.29 5.30
CA HIS A 287 -12.76 8.46 5.60
C HIS A 287 -12.69 8.49 7.10
N LEU A 288 -11.49 8.32 7.62
CA LEU A 288 -11.33 7.97 9.03
C LEU A 288 -12.02 8.97 10.00
N PRO A 289 -11.97 10.28 9.75
CA PRO A 289 -12.62 11.21 10.72
C PRO A 289 -14.12 10.99 10.84
N GLU A 290 -14.71 10.53 9.76
CA GLU A 290 -16.13 10.26 9.76
C GLU A 290 -16.50 8.98 10.54
N VAL A 291 -15.52 8.18 10.94
CA VAL A 291 -15.78 7.03 11.85
C VAL A 291 -15.09 7.20 13.23
N GLY A 292 -14.76 8.45 13.57
CA GLY A 292 -14.29 8.78 14.89
C GLY A 292 -12.79 8.82 15.11
N LEU A 293 -11.99 8.65 14.05
CA LEU A 293 -10.54 8.76 14.15
C LEU A 293 -10.03 10.05 13.48
N HIS A 294 -9.42 10.93 14.26
CA HIS A 294 -9.05 12.26 13.78
C HIS A 294 -7.54 12.41 13.76
N GLY A 295 -7.01 13.14 12.78
CA GLY A 295 -5.60 13.49 12.76
C GLY A 295 -4.68 12.55 12.00
N ASN A 296 -5.24 11.58 11.32
CA ASN A 296 -4.39 10.70 10.55
C ASN A 296 -3.74 11.36 9.36
N THR A 297 -2.51 10.90 9.11
CA THR A 297 -1.66 11.29 8.02
C THR A 297 -1.88 10.28 6.87
N HIS A 298 -1.06 10.41 5.85
CA HIS A 298 -1.04 9.46 4.73
C HIS A 298 -0.59 8.09 5.17
N PHE A 299 0.01 7.95 6.36
CA PHE A 299 0.40 6.61 6.89
C PHE A 299 -0.40 6.22 8.16
N PRO A 300 -1.70 5.94 8.00
CA PRO A 300 -2.48 5.64 9.20
C PRO A 300 -2.02 4.42 9.96
N MSE A 301 -1.40 3.48 9.26
CA MSE A 301 -0.87 2.26 9.89
C MSE A 301 0.25 2.51 10.84
O MSE A 301 0.54 1.63 11.64
CB MSE A 301 -0.46 1.20 8.81
CG MSE A 301 0.84 1.50 8.04
SE MSE A 301 0.85 3.02 6.84
CE MSE A 301 -0.49 2.42 5.64
N SER A 302 0.94 3.67 10.77
CA SER A 302 2.07 3.96 11.71
C SER A 302 1.82 5.20 12.57
N ASP A 303 0.67 5.81 12.39
CA ASP A 303 0.29 6.99 13.19
C ASP A 303 0.11 6.63 14.68
N LEU A 304 -0.01 7.64 15.53
CA LEU A 304 -0.14 7.44 16.98
C LEU A 304 -1.33 6.59 17.38
N ASN A 305 -2.39 6.64 16.59
CA ASN A 305 -3.62 5.87 16.87
C ASN A 305 -3.70 4.61 16.02
N ASN A 306 -2.55 4.07 15.64
CA ASN A 306 -2.55 2.96 14.70
C ASN A 306 -3.21 1.68 15.22
N ILE A 307 -3.28 1.54 16.55
CA ILE A 307 -4.00 0.40 17.09
C ILE A 307 -5.50 0.52 16.76
N GLU A 308 -6.05 1.70 16.92
CA GLU A 308 -7.44 1.96 16.55
CA GLU A 308 -7.42 1.92 16.57
C GLU A 308 -7.62 1.73 15.05
N VAL A 309 -6.61 2.09 14.24
CA VAL A 309 -6.68 1.90 12.79
C VAL A 309 -6.71 0.36 12.53
N ALA A 310 -5.87 -0.36 13.27
CA ALA A 310 -5.81 -1.83 13.16
C ALA A 310 -7.15 -2.46 13.58
N ASP A 311 -7.79 -1.94 14.63
CA ASP A 311 -9.06 -2.47 15.05
C ASP A 311 -10.14 -2.39 13.96
N LEU A 312 -10.13 -1.28 13.21
CA LEU A 312 -11.05 -1.08 12.10
CA LEU A 312 -11.04 -1.07 12.12
C LEU A 312 -10.82 -2.13 11.05
N LEU A 313 -9.55 -2.35 10.72
CA LEU A 313 -9.24 -3.39 9.76
C LEU A 313 -9.66 -4.79 10.28
N SER A 314 -9.34 -5.12 11.52
CA SER A 314 -9.74 -6.44 12.09
C SER A 314 -11.25 -6.62 12.00
N GLU A 315 -12.00 -5.56 12.26
CA GLU A 315 -13.43 -5.62 12.21
C GLU A 315 -13.92 -6.00 10.80
N TRP A 316 -13.40 -5.31 9.79
CA TRP A 316 -13.77 -5.57 8.40
C TRP A 316 -13.40 -7.00 8.01
N LEU A 317 -12.18 -7.38 8.35
CA LEU A 317 -11.73 -8.74 8.04
C LEU A 317 -12.72 -9.73 8.66
N HIS A 318 -13.18 -9.44 9.89
CA HIS A 318 -14.10 -10.35 10.53
C HIS A 318 -15.43 -10.42 9.80
N THR A 319 -15.97 -9.27 9.38
CA THR A 319 -17.30 -9.28 8.76
C THR A 319 -17.28 -9.93 7.38
N LYS A 320 -16.10 -9.97 6.76
CA LYS A 320 -15.93 -10.65 5.48
C LYS A 320 -15.47 -12.10 5.65
N ALA A 321 -15.45 -12.58 6.88
CA ALA A 321 -15.05 -13.97 7.15
C ALA A 321 -13.65 -14.30 6.63
N LEU A 322 -12.74 -13.35 6.80
CA LEU A 322 -11.36 -13.48 6.39
C LEU A 322 -10.39 -13.69 7.57
N ASP A 323 -10.91 -13.90 8.77
CA ASP A 323 -10.11 -14.10 9.96
C ASP A 323 -10.26 -15.50 10.53
CL CL B . 2.96 9.74 -2.81
CL CL C . 4.68 14.98 20.19
CL CL D . 2.88 21.79 -0.53
C1 GOL E . 14.61 -9.67 8.52
O1 GOL E . 15.94 -9.79 9.01
C2 GOL E . 14.46 -8.25 8.00
O2 GOL E . 14.78 -8.24 6.61
C3 GOL E . 13.04 -7.75 8.18
O3 GOL E . 12.92 -6.46 7.62
C1 GOL F . 8.90 15.05 -3.98
O1 GOL F . 9.63 14.53 -5.10
C2 GOL F . 7.39 15.14 -4.29
O2 GOL F . 7.15 14.76 -5.65
C3 GOL F . 6.59 14.25 -3.34
O3 GOL F . 5.19 14.31 -3.66
C1 GOL G . -11.07 -14.20 -8.01
O1 GOL G . -11.90 -13.18 -8.54
C2 GOL G . -9.60 -13.76 -8.12
O2 GOL G . -9.47 -12.57 -8.90
C3 GOL G . -8.99 -13.56 -6.73
O3 GOL G . -7.57 -13.39 -6.75
C1 GOL H . 20.70 11.42 12.55
O1 GOL H . 20.28 12.39 11.62
C2 GOL H . 22.20 11.37 12.44
O2 GOL H . 22.78 12.64 12.75
C3 GOL H . 22.69 10.31 13.39
O3 GOL H . 23.47 9.42 12.60
C1 GOL I . 8.68 -20.64 2.67
O1 GOL I . 9.44 -20.76 1.45
C2 GOL I . 7.17 -20.61 2.38
O2 GOL I . 6.55 -21.71 3.04
C3 GOL I . 6.53 -19.31 2.88
O3 GOL I . 5.26 -19.55 3.45
#